data_7TBC
#
_entry.id   7TBC
#
_cell.length_a   109.320
_cell.length_b   109.320
_cell.length_c   118.310
_cell.angle_alpha   90.000
_cell.angle_beta   90.000
_cell.angle_gamma   120.000
#
_symmetry.space_group_name_H-M   'P 32 2 1'
#
loop_
_entity.id
_entity.type
_entity.pdbx_description
1 polymer 'Plasmepsin 10'
2 non-polymer 1,2-ETHANEDIOL
3 non-polymer 2-acetamido-2-deoxy-beta-D-glucopyranose
4 non-polymer 'TETRAETHYLENE GLYCOL'
5 non-polymer (4R)-4-[(2E)-4,4-diethyl-2-imino-6-oxo-1,3-diazinan-1-yl]-N-[(4S)-2,2-dimethyl-3,4-dihydro-2H-1-benzopyran-4-yl]-3,4-dihydro-2H-1-benzopyran-6-carboxamide
6 water water
#
_entity_poly.entity_id   1
_entity_poly.type   'polypeptide(L)'
_entity_poly.pdbx_seq_one_letter_code
;SSIEKNFIALENKNATVEQTKENIFLVPLKHLRDSQFVGELLVGTPPQTVYPIFDTGSTNVWVVTTACEEESCKKVRRYD
PNKSKTFRRSFIEKNLHIVFGSGSISGSVGTDTFMLGKHLVRNQTFGLVESESNNNKNGGDNIFDYISFEGIVGLGFPGM
LSAGNIPFFDNLLKQNPNVDPQFSFYISPYDGKSTLIIGGISKSFYEGDIYMLPVLKESYWEVKLDELYIGKERICCDEE
SYVIFDTGTSYNTMPSSQMKTFLNLIHSTACTEQNYKDILKSYPIIKYVFGELIIELHPEEYMILNDDVCMPAYMQIDVP
SERNHAYLLGSLSFMRNFFTVFVRGTESRPSMVGVARAKSKNENLYFQGHHHHHHHH
;
_entity_poly.pdbx_strand_id   A
#
# COMPACT_ATOMS: atom_id res chain seq x y z
N ASN A 23 -11.89 0.25 -22.17
CA ASN A 23 -11.93 -1.08 -21.56
C ASN A 23 -11.40 -1.09 -20.13
N ILE A 24 -12.16 -1.71 -19.24
CA ILE A 24 -11.85 -1.77 -17.82
C ILE A 24 -11.81 -3.23 -17.40
N PHE A 25 -10.92 -3.55 -16.46
CA PHE A 25 -10.82 -4.89 -15.91
C PHE A 25 -10.43 -4.78 -14.45
N LEU A 26 -10.58 -5.90 -13.72
CA LEU A 26 -10.31 -5.89 -12.28
C LEU A 26 -9.48 -7.10 -11.89
N VAL A 27 -8.92 -7.04 -10.69
CA VAL A 27 -8.03 -8.06 -10.14
C VAL A 27 -8.46 -8.33 -8.70
N PRO A 28 -9.18 -9.41 -8.43
CA PRO A 28 -9.62 -9.67 -7.06
C PRO A 28 -8.45 -9.95 -6.13
N LEU A 29 -8.65 -9.65 -4.85
CA LEU A 29 -7.61 -9.75 -3.84
C LEU A 29 -8.05 -10.68 -2.73
N LYS A 30 -7.17 -11.58 -2.31
CA LYS A 30 -7.43 -12.49 -1.21
C LYS A 30 -6.81 -11.91 0.05
N HIS A 31 -7.66 -11.65 1.05
CA HIS A 31 -7.17 -11.23 2.36
C HIS A 31 -6.61 -12.45 3.08
N LEU A 32 -5.32 -12.41 3.40
CA LEU A 32 -4.64 -13.56 4.00
C LEU A 32 -4.73 -13.49 5.51
N ARG A 33 -4.18 -14.51 6.18
CA ARG A 33 -4.18 -14.53 7.63
C ARG A 33 -3.32 -13.41 8.20
N ASP A 34 -2.17 -13.15 7.57
CA ASP A 34 -1.45 -11.92 7.82
C ASP A 34 -2.19 -10.74 7.20
N SER A 35 -1.63 -9.55 7.32
CA SER A 35 -2.36 -8.33 6.96
C SER A 35 -2.52 -8.20 5.46
N GLN A 36 -1.94 -9.14 4.71
CA GLN A 36 -1.76 -8.98 3.28
C GLN A 36 -3.08 -9.06 2.53
N PHE A 37 -3.17 -8.28 1.46
CA PHE A 37 -4.20 -8.41 0.43
C PHE A 37 -3.44 -8.72 -0.85
N VAL A 38 -3.46 -9.97 -1.28
CA VAL A 38 -2.65 -10.42 -2.41
C VAL A 38 -3.56 -10.71 -3.59
N GLY A 39 -3.01 -10.52 -4.79
CA GLY A 39 -3.73 -10.81 -6.01
C GLY A 39 -2.87 -11.65 -6.93
N GLU A 40 -3.52 -12.28 -7.91
CA GLU A 40 -2.85 -13.21 -8.79
C GLU A 40 -2.04 -12.46 -9.84
N LEU A 41 -0.78 -12.86 -10.00
CA LEU A 41 0.12 -12.27 -10.99
C LEU A 41 0.92 -13.37 -11.66
N LEU A 42 0.96 -13.35 -12.99
CA LEU A 42 1.64 -14.36 -13.78
C LEU A 42 2.91 -13.78 -14.38
N VAL A 43 4.00 -14.54 -14.30
CA VAL A 43 5.32 -14.08 -14.71
C VAL A 43 5.96 -15.13 -15.61
N GLY A 44 6.55 -14.68 -16.72
CA GLY A 44 7.39 -15.54 -17.53
C GLY A 44 6.64 -16.41 -18.52
N THR A 45 7.43 -17.16 -19.29
CA THR A 45 6.94 -18.05 -20.33
C THR A 45 7.72 -19.37 -20.27
N PRO A 46 7.06 -20.49 -19.93
CA PRO A 46 5.66 -20.65 -19.54
C PRO A 46 5.37 -19.97 -18.20
N PRO A 47 4.13 -19.54 -18.00
CA PRO A 47 3.85 -18.61 -16.88
C PRO A 47 3.92 -19.28 -15.53
N GLN A 48 4.49 -18.55 -14.57
CA GLN A 48 4.51 -18.97 -13.17
C GLN A 48 3.65 -18.00 -12.35
N THR A 49 2.99 -18.54 -11.33
CA THR A 49 1.99 -17.79 -10.58
C THR A 49 2.56 -17.32 -9.25
N VAL A 50 2.43 -16.02 -8.98
CA VAL A 50 2.79 -15.44 -7.70
C VAL A 50 1.64 -14.55 -7.23
N TYR A 51 1.58 -14.33 -5.92
CA TYR A 51 0.50 -13.59 -5.28
C TYR A 51 1.10 -12.41 -4.51
N PRO A 52 1.49 -11.35 -5.20
CA PRO A 52 2.07 -10.19 -4.53
C PRO A 52 0.99 -9.31 -3.92
N ILE A 53 1.43 -8.37 -3.10
CA ILE A 53 0.57 -7.28 -2.66
C ILE A 53 0.70 -6.15 -3.68
N PHE A 54 -0.24 -5.22 -3.66
CA PHE A 54 -0.25 -4.08 -4.56
C PHE A 54 -0.06 -2.82 -3.73
N ASP A 55 1.05 -2.13 -3.98
CA ASP A 55 1.56 -1.11 -3.07
C ASP A 55 1.58 0.25 -3.77
N THR A 56 0.76 1.18 -3.28
CA THR A 56 0.82 2.56 -3.74
C THR A 56 1.92 3.36 -3.07
N GLY A 57 2.72 2.74 -2.20
CA GLY A 57 3.83 3.38 -1.53
C GLY A 57 5.20 3.00 -2.04
N SER A 58 5.28 2.27 -3.16
CA SER A 58 6.53 2.00 -3.85
C SER A 58 6.21 1.85 -5.33
N THR A 59 7.26 1.80 -6.14
CA THR A 59 7.09 1.71 -7.59
C THR A 59 7.76 0.49 -8.20
N ASN A 60 8.85 0.00 -7.63
CA ASN A 60 9.48 -1.21 -8.12
C ASN A 60 8.51 -2.38 -8.08
N VAL A 61 8.81 -3.39 -8.90
CA VAL A 61 8.16 -4.68 -8.82
C VAL A 61 9.16 -5.65 -8.22
N TRP A 62 8.79 -6.27 -7.11
CA TRP A 62 9.58 -7.31 -6.48
C TRP A 62 8.88 -8.65 -6.62
N VAL A 63 9.66 -9.69 -6.93
CA VAL A 63 9.17 -11.06 -7.00
C VAL A 63 10.11 -11.93 -6.19
N VAL A 64 9.55 -12.77 -5.33
CA VAL A 64 10.37 -13.72 -4.56
C VAL A 64 10.80 -14.86 -5.49
N THR A 65 12.10 -15.14 -5.50
CA THR A 65 12.69 -16.08 -6.44
C THR A 65 13.33 -17.26 -5.72
N THR A 66 13.75 -18.24 -6.51
CA THR A 66 14.46 -19.40 -5.99
C THR A 66 15.89 -19.09 -5.62
N ALA A 67 16.43 -17.95 -6.04
CA ALA A 67 17.76 -17.54 -5.60
C ALA A 67 17.77 -17.16 -4.13
N CYS A 68 16.60 -16.93 -3.54
CA CYS A 68 16.48 -16.73 -2.11
C CYS A 68 16.23 -18.09 -1.46
N GLU A 69 17.24 -18.62 -0.78
CA GLU A 69 17.15 -19.92 -0.13
C GLU A 69 16.87 -19.80 1.37
N GLU A 70 16.45 -18.63 1.82
CA GLU A 70 16.16 -18.41 3.23
C GLU A 70 14.82 -19.03 3.60
N GLU A 71 14.66 -19.32 4.89
CA GLU A 71 13.47 -20.02 5.35
C GLU A 71 12.21 -19.22 5.08
N SER A 72 12.25 -17.90 5.32
CA SER A 72 11.08 -17.06 5.04
C SER A 72 10.77 -17.00 3.55
N CYS A 73 11.70 -17.40 2.68
CA CYS A 73 11.47 -17.51 1.25
C CYS A 73 10.99 -18.90 0.85
N LYS A 74 11.57 -19.94 1.44
CA LYS A 74 11.27 -21.31 1.02
C LYS A 74 9.83 -21.72 1.35
N LYS A 75 9.16 -21.00 2.25
CA LYS A 75 7.80 -21.35 2.64
C LYS A 75 6.74 -20.87 1.65
N VAL A 76 7.12 -20.15 0.60
CA VAL A 76 6.16 -19.55 -0.33
C VAL A 76 6.47 -20.02 -1.74
N ARG A 77 5.58 -19.68 -2.67
CA ARG A 77 5.79 -19.96 -4.08
C ARG A 77 6.89 -19.05 -4.60
N ARG A 78 7.93 -19.65 -5.18
CA ARG A 78 9.11 -18.92 -5.63
C ARG A 78 9.21 -18.99 -7.15
N TYR A 79 9.35 -17.82 -7.77
CA TYR A 79 9.56 -17.73 -9.21
C TYR A 79 10.99 -18.15 -9.54
N ASP A 80 11.14 -19.05 -10.51
CA ASP A 80 12.46 -19.51 -10.93
C ASP A 80 12.79 -18.93 -12.30
N PRO A 81 13.71 -17.97 -12.39
CA PRO A 81 14.05 -17.42 -13.71
C PRO A 81 14.67 -18.43 -14.66
N ASN A 82 15.32 -19.48 -14.14
CA ASN A 82 15.89 -20.51 -15.00
C ASN A 82 14.84 -21.30 -15.77
N LYS A 83 13.58 -21.26 -15.33
CA LYS A 83 12.48 -21.93 -16.01
C LYS A 83 11.64 -20.97 -16.85
N SER A 84 12.20 -19.81 -17.21
CA SER A 84 11.49 -18.81 -17.99
C SER A 84 12.28 -18.49 -19.25
N LYS A 85 11.69 -18.81 -20.40
CA LYS A 85 12.36 -18.57 -21.67
C LYS A 85 12.42 -17.09 -22.02
N THR A 86 11.55 -16.28 -21.46
CA THR A 86 11.49 -14.85 -21.77
C THR A 86 12.23 -13.99 -20.75
N PHE A 87 12.77 -14.59 -19.68
CA PHE A 87 13.49 -13.80 -18.68
C PHE A 87 14.83 -13.35 -19.24
N ARG A 88 15.15 -12.08 -19.00
CA ARG A 88 16.43 -11.50 -19.34
C ARG A 88 17.07 -10.93 -18.08
N ARG A 89 18.37 -11.15 -17.94
CA ARG A 89 19.12 -10.66 -16.79
C ARG A 89 19.68 -9.27 -17.10
N SER A 90 19.42 -8.32 -16.20
CA SER A 90 19.99 -6.99 -16.34
C SER A 90 21.29 -6.89 -15.54
N PHE A 91 22.23 -6.13 -16.07
CA PHE A 91 23.48 -5.90 -15.37
C PHE A 91 23.29 -4.87 -14.28
N ILE A 92 23.83 -5.17 -13.09
CA ILE A 92 23.89 -4.21 -12.00
C ILE A 92 25.25 -4.35 -11.34
N GLU A 93 25.76 -3.23 -10.83
CA GLU A 93 27.06 -3.27 -10.14
C GLU A 93 26.94 -3.94 -8.78
N LYS A 94 25.75 -3.90 -8.17
CA LYS A 94 25.52 -4.50 -6.88
C LYS A 94 24.03 -4.78 -6.74
N ASN A 95 23.69 -5.71 -5.86
CA ASN A 95 22.29 -5.96 -5.55
C ASN A 95 21.66 -4.71 -4.96
N LEU A 96 20.47 -4.35 -5.43
CA LEU A 96 19.76 -3.22 -4.87
C LEU A 96 19.18 -3.61 -3.52
N HIS A 97 19.38 -2.74 -2.53
CA HIS A 97 18.98 -2.99 -1.15
C HIS A 97 17.90 -1.98 -0.78
N ILE A 98 16.74 -2.48 -0.39
CA ILE A 98 15.63 -1.65 0.09
C ILE A 98 15.42 -1.97 1.55
N VAL A 99 15.66 -0.97 2.42
CA VAL A 99 15.48 -1.12 3.85
C VAL A 99 14.36 -0.18 4.28
N PHE A 100 13.44 -0.69 5.10
CA PHE A 100 12.30 0.08 5.58
C PHE A 100 12.06 -0.29 7.04
N GLY A 101 10.89 0.11 7.55
CA GLY A 101 10.59 -0.04 8.96
C GLY A 101 10.75 -1.43 9.53
N SER A 102 10.02 -2.39 8.97
CA SER A 102 9.90 -3.71 9.57
C SER A 102 10.78 -4.78 8.93
N GLY A 103 11.51 -4.45 7.87
CA GLY A 103 12.36 -5.44 7.24
C GLY A 103 13.18 -4.83 6.13
N SER A 104 13.84 -5.71 5.38
CA SER A 104 14.64 -5.32 4.23
C SER A 104 14.43 -6.32 3.10
N ILE A 105 14.36 -5.81 1.88
CA ILE A 105 14.37 -6.63 0.68
C ILE A 105 15.67 -6.34 -0.06
N SER A 106 16.32 -7.40 -0.53
CA SER A 106 17.56 -7.28 -1.28
C SER A 106 17.51 -8.30 -2.42
N GLY A 107 18.05 -7.94 -3.58
CA GLY A 107 18.06 -8.87 -4.68
C GLY A 107 18.69 -8.26 -5.92
N SER A 108 18.59 -9.01 -7.02
CA SER A 108 19.08 -8.55 -8.31
C SER A 108 17.91 -8.07 -9.15
N VAL A 109 18.19 -7.69 -10.40
CA VAL A 109 17.15 -7.18 -11.28
C VAL A 109 17.27 -7.84 -12.65
N GLY A 110 16.11 -8.01 -13.29
CA GLY A 110 16.02 -8.47 -14.66
C GLY A 110 14.69 -8.03 -15.23
N THR A 111 14.43 -8.45 -16.47
CA THR A 111 13.16 -8.21 -17.12
C THR A 111 12.52 -9.53 -17.52
N ASP A 112 11.18 -9.53 -17.55
CA ASP A 112 10.41 -10.67 -18.02
C ASP A 112 9.05 -10.16 -18.44
N THR A 113 8.20 -11.08 -18.90
CA THR A 113 6.86 -10.74 -19.36
C THR A 113 5.85 -11.08 -18.27
N PHE A 114 4.97 -10.14 -17.98
CA PHE A 114 4.00 -10.27 -16.91
C PHE A 114 2.59 -10.33 -17.48
N MET A 115 1.67 -10.83 -16.66
CA MET A 115 0.25 -10.81 -17.01
C MET A 115 -0.56 -10.64 -15.74
N LEU A 116 -1.45 -9.64 -15.75
CA LEU A 116 -2.27 -9.30 -14.60
C LEU A 116 -3.69 -9.08 -15.08
N GLY A 117 -4.64 -9.87 -14.57
CA GLY A 117 -6.00 -9.78 -15.03
C GLY A 117 -6.13 -9.98 -16.53
N LYS A 118 -5.40 -10.94 -17.07
CA LYS A 118 -5.39 -11.29 -18.50
C LYS A 118 -4.83 -10.19 -19.39
N HIS A 119 -4.20 -9.16 -18.83
CA HIS A 119 -3.56 -8.11 -19.61
C HIS A 119 -2.05 -8.31 -19.59
N LEU A 120 -1.41 -8.01 -20.71
CA LEU A 120 -0.02 -8.40 -20.96
C LEU A 120 0.92 -7.21 -20.82
N VAL A 121 2.05 -7.43 -20.14
CA VAL A 121 3.10 -6.43 -19.98
C VAL A 121 4.42 -7.12 -20.27
N ARG A 122 5.05 -6.75 -21.38
CA ARG A 122 6.26 -7.41 -21.85
C ARG A 122 7.49 -6.55 -21.59
N ASN A 123 8.63 -7.23 -21.34
CA ASN A 123 9.93 -6.58 -21.19
C ASN A 123 9.97 -5.67 -19.98
N GLN A 124 9.28 -6.06 -18.91
CA GLN A 124 9.15 -5.23 -17.72
C GLN A 124 10.30 -5.52 -16.76
N THR A 125 11.03 -4.48 -16.39
CA THR A 125 12.06 -4.62 -15.37
C THR A 125 11.43 -4.88 -14.01
N PHE A 126 12.05 -5.77 -13.24
CA PHE A 126 11.56 -6.06 -11.89
C PHE A 126 12.73 -6.54 -11.03
N GLY A 127 12.50 -6.54 -9.72
CA GLY A 127 13.51 -6.96 -8.76
C GLY A 127 13.29 -8.39 -8.36
N LEU A 128 14.38 -9.15 -8.30
CA LEU A 128 14.34 -10.56 -7.94
C LEU A 128 14.82 -10.70 -6.50
N VAL A 129 13.87 -10.97 -5.58
CA VAL A 129 14.21 -11.09 -4.17
C VAL A 129 15.19 -12.23 -3.98
N GLU A 130 16.35 -11.94 -3.38
CA GLU A 130 17.34 -12.94 -3.06
C GLU A 130 17.68 -13.01 -1.58
N SER A 131 17.20 -12.06 -0.77
CA SER A 131 17.37 -12.11 0.67
C SER A 131 16.29 -11.25 1.31
N GLU A 132 15.82 -11.70 2.48
CA GLU A 132 14.88 -10.93 3.28
C GLU A 132 15.44 -10.66 4.68
N SER A 133 16.76 -10.74 4.83
CA SER A 133 17.39 -10.50 6.11
C SER A 133 17.15 -9.07 6.58
N ASN A 134 16.73 -8.92 7.83
CA ASN A 134 16.47 -7.61 8.39
C ASN A 134 17.78 -6.93 8.76
N ASN A 135 17.98 -5.71 8.25
CA ASN A 135 19.21 -4.97 8.48
C ASN A 135 19.05 -3.83 9.48
N ASN A 136 17.84 -3.63 10.02
CA ASN A 136 17.66 -2.65 11.10
C ASN A 136 18.26 -3.14 12.41
N LYS A 137 17.87 -4.35 12.83
CA LYS A 137 18.41 -4.98 14.03
C LYS A 137 18.48 -6.49 13.74
N ASN A 138 19.67 -6.99 13.41
CA ASN A 138 19.84 -8.39 13.00
C ASN A 138 19.96 -9.28 14.24
N GLY A 139 18.80 -9.49 14.89
CA GLY A 139 18.70 -10.40 16.02
C GLY A 139 17.33 -11.05 16.06
N GLY A 140 16.46 -10.63 15.16
CA GLY A 140 15.11 -11.11 15.07
C GLY A 140 14.21 -10.04 14.45
N ASP A 141 12.97 -9.99 14.92
CA ASP A 141 11.93 -9.05 14.51
C ASP A 141 11.97 -8.71 13.02
N ASN A 142 11.59 -9.67 12.18
CA ASN A 142 11.53 -9.50 10.72
C ASN A 142 10.10 -9.70 10.26
N ILE A 143 9.60 -8.78 9.43
CA ILE A 143 8.21 -8.85 8.97
C ILE A 143 7.98 -10.11 8.15
N PHE A 144 9.00 -10.57 7.42
CA PHE A 144 8.81 -11.70 6.51
C PHE A 144 8.74 -13.04 7.24
N ASP A 145 9.07 -13.07 8.54
CA ASP A 145 8.84 -14.27 9.33
C ASP A 145 7.36 -14.45 9.66
N TYR A 146 6.60 -13.36 9.70
CA TYR A 146 5.22 -13.38 10.14
C TYR A 146 4.21 -13.34 8.99
N ILE A 147 4.67 -13.25 7.74
CA ILE A 147 3.79 -13.19 6.60
C ILE A 147 4.27 -14.18 5.54
N SER A 148 3.38 -14.50 4.60
CA SER A 148 3.71 -15.31 3.44
C SER A 148 3.88 -14.36 2.25
N PHE A 149 5.07 -13.77 2.16
CA PHE A 149 5.34 -12.73 1.18
C PHE A 149 5.83 -13.33 -0.12
N GLU A 150 5.19 -12.94 -1.23
CA GLU A 150 5.59 -13.40 -2.54
C GLU A 150 5.99 -12.29 -3.50
N GLY A 151 5.74 -11.04 -3.16
CA GLY A 151 6.21 -9.96 -4.01
C GLY A 151 5.42 -8.68 -3.78
N ILE A 152 5.84 -7.67 -4.52
CA ILE A 152 5.22 -6.35 -4.50
C ILE A 152 5.03 -5.90 -5.94
N VAL A 153 3.84 -5.39 -6.26
CA VAL A 153 3.61 -4.65 -7.49
C VAL A 153 3.52 -3.18 -7.10
N GLY A 154 4.57 -2.42 -7.42
CA GLY A 154 4.57 -1.01 -7.07
C GLY A 154 3.62 -0.23 -7.95
N LEU A 155 2.84 0.65 -7.33
CA LEU A 155 1.85 1.47 -8.03
C LEU A 155 2.09 2.96 -7.86
N GLY A 156 3.23 3.35 -7.30
CA GLY A 156 3.55 4.75 -7.14
C GLY A 156 4.03 5.38 -8.43
N PHE A 157 4.55 6.58 -8.30
CA PHE A 157 4.95 7.37 -9.46
C PHE A 157 6.37 7.01 -9.90
N PRO A 158 6.71 7.26 -11.17
CA PRO A 158 8.02 6.83 -11.68
C PRO A 158 9.21 7.41 -10.94
N GLY A 159 9.02 8.46 -10.13
CA GLY A 159 10.14 9.04 -9.41
C GLY A 159 10.78 8.08 -8.43
N MET A 160 10.04 7.08 -7.95
CA MET A 160 10.53 6.11 -6.99
C MET A 160 11.08 4.85 -7.64
N LEU A 161 11.09 4.76 -8.97
CA LEU A 161 11.62 3.59 -9.64
C LEU A 161 13.13 3.50 -9.40
N SER A 162 13.58 2.36 -8.87
CA SER A 162 14.99 2.19 -8.52
C SER A 162 15.83 1.74 -9.71
N ALA A 163 15.24 1.00 -10.65
CA ALA A 163 15.95 0.53 -11.82
C ALA A 163 14.94 0.20 -12.91
N GLY A 164 15.42 0.22 -14.15
CA GLY A 164 14.57 -0.13 -15.27
C GLY A 164 14.14 1.10 -16.06
N ASN A 165 13.69 0.84 -17.29
CA ASN A 165 13.33 1.91 -18.21
C ASN A 165 11.97 2.51 -17.89
N ILE A 166 11.08 1.75 -17.25
CA ILE A 166 9.69 2.18 -17.09
C ILE A 166 9.03 1.38 -15.97
N PRO A 167 8.20 2.02 -15.14
CA PRO A 167 7.51 1.28 -14.07
C PRO A 167 6.43 0.37 -14.64
N PHE A 168 5.91 -0.49 -13.77
CA PHE A 168 5.01 -1.55 -14.21
C PHE A 168 3.70 -0.98 -14.75
N PHE A 169 3.03 -0.13 -13.96
CA PHE A 169 1.72 0.36 -14.36
C PHE A 169 1.79 1.19 -15.63
N ASP A 170 2.79 2.08 -15.72
CA ASP A 170 2.98 2.85 -16.94
C ASP A 170 3.25 1.94 -18.14
N ASN A 171 4.07 0.91 -17.94
CA ASN A 171 4.34 -0.03 -19.01
C ASN A 171 3.08 -0.81 -19.41
N LEU A 172 2.22 -1.12 -18.43
CA LEU A 172 0.94 -1.73 -18.76
C LEU A 172 0.10 -0.83 -19.64
N LEU A 173 0.06 0.47 -19.30
CA LEU A 173 -0.75 1.41 -20.09
C LEU A 173 -0.17 1.61 -21.48
N LYS A 174 1.17 1.70 -21.58
CA LYS A 174 1.79 1.89 -22.88
C LYS A 174 1.52 0.71 -23.80
N GLN A 175 1.31 -0.48 -23.25
CA GLN A 175 1.03 -1.67 -24.03
C GLN A 175 -0.46 -2.01 -24.09
N ASN A 176 -1.30 -1.21 -23.44
CA ASN A 176 -2.76 -1.40 -23.47
C ASN A 176 -3.41 -0.02 -23.56
N PRO A 177 -3.32 0.62 -24.73
CA PRO A 177 -3.67 2.05 -24.81
C PRO A 177 -5.15 2.35 -24.64
N ASN A 178 -6.03 1.36 -24.64
CA ASN A 178 -7.44 1.59 -24.41
C ASN A 178 -7.81 1.50 -22.93
N VAL A 179 -6.82 1.41 -22.05
CA VAL A 179 -7.02 1.41 -20.60
C VAL A 179 -6.73 2.80 -20.07
N ASP A 180 -7.61 3.31 -19.23
CA ASP A 180 -7.42 4.67 -18.72
C ASP A 180 -6.47 4.65 -17.52
N PRO A 181 -5.50 5.57 -17.47
CA PRO A 181 -4.50 5.55 -16.39
C PRO A 181 -5.07 5.83 -15.00
N GLN A 182 -5.81 4.87 -14.44
CA GLN A 182 -6.33 5.01 -13.10
C GLN A 182 -6.62 3.63 -12.53
N PHE A 183 -6.71 3.56 -11.20
CA PHE A 183 -7.07 2.33 -10.51
C PHE A 183 -7.71 2.69 -9.18
N SER A 184 -8.29 1.70 -8.52
CA SER A 184 -8.98 1.92 -7.26
C SER A 184 -9.03 0.63 -6.46
N PHE A 185 -9.24 0.79 -5.15
CA PHE A 185 -9.19 -0.32 -4.20
C PHE A 185 -10.49 -0.37 -3.41
N TYR A 186 -11.18 -1.49 -3.49
CA TYR A 186 -12.27 -1.81 -2.57
C TYR A 186 -11.74 -2.82 -1.55
N ILE A 187 -11.73 -2.42 -0.28
CA ILE A 187 -11.20 -3.24 0.80
C ILE A 187 -12.35 -3.65 1.71
N SER A 188 -12.59 -4.96 1.79
CA SER A 188 -13.56 -5.52 2.73
C SER A 188 -12.98 -6.84 3.23
N PRO A 189 -12.29 -6.83 4.37
CA PRO A 189 -11.59 -8.05 4.81
C PRO A 189 -12.51 -9.15 5.29
N TYR A 190 -13.76 -8.83 5.65
CA TYR A 190 -14.63 -9.84 6.26
C TYR A 190 -15.18 -10.81 5.23
N ASP A 191 -15.61 -10.32 4.07
CA ASP A 191 -15.98 -11.18 2.96
C ASP A 191 -14.80 -11.29 1.99
N GLY A 192 -15.02 -11.93 0.86
CA GLY A 192 -13.96 -12.11 -0.11
C GLY A 192 -14.08 -11.17 -1.28
N LYS A 193 -14.79 -10.06 -1.08
CA LYS A 193 -15.07 -9.12 -2.15
C LYS A 193 -14.01 -8.04 -2.31
N SER A 194 -12.88 -8.16 -1.61
CA SER A 194 -11.79 -7.21 -1.81
C SER A 194 -11.30 -7.28 -3.25
N THR A 195 -11.17 -6.11 -3.89
CA THR A 195 -10.94 -6.06 -5.32
C THR A 195 -10.10 -4.85 -5.68
N LEU A 196 -9.15 -5.05 -6.60
CA LEU A 196 -8.45 -3.97 -7.27
C LEU A 196 -8.97 -3.87 -8.69
N ILE A 197 -9.44 -2.69 -9.07
CA ILE A 197 -9.95 -2.45 -10.42
C ILE A 197 -9.04 -1.46 -11.12
N ILE A 198 -8.70 -1.77 -12.37
CA ILE A 198 -7.76 -0.98 -13.16
C ILE A 198 -8.53 -0.34 -14.32
N GLY A 199 -8.31 0.96 -14.53
CA GLY A 199 -8.90 1.65 -15.66
C GLY A 199 -10.24 2.31 -15.41
N GLY A 200 -10.80 2.16 -14.21
CA GLY A 200 -12.08 2.77 -13.93
C GLY A 200 -12.52 2.47 -12.52
N ILE A 201 -13.83 2.62 -12.29
CA ILE A 201 -14.42 2.35 -10.99
C ILE A 201 -15.73 1.60 -11.20
N SER A 202 -16.49 1.44 -10.12
CA SER A 202 -17.84 0.88 -10.22
C SER A 202 -18.64 1.36 -9.03
N LYS A 203 -19.86 1.86 -9.29
CA LYS A 203 -20.72 2.35 -8.21
C LYS A 203 -21.12 1.22 -7.25
N SER A 204 -20.81 -0.03 -7.57
CA SER A 204 -21.06 -1.19 -6.74
C SER A 204 -20.15 -1.24 -5.51
N PHE A 205 -19.35 -0.21 -5.25
CA PHE A 205 -18.41 -0.20 -4.14
C PHE A 205 -18.59 0.98 -3.21
N TYR A 206 -18.88 2.16 -3.74
CA TYR A 206 -18.96 3.37 -2.93
C TYR A 206 -20.40 3.86 -2.83
N GLU A 207 -20.67 4.61 -1.75
CA GLU A 207 -21.96 5.24 -1.52
C GLU A 207 -21.74 6.74 -1.42
N GLY A 208 -22.54 7.50 -2.17
CA GLY A 208 -22.42 8.94 -2.18
C GLY A 208 -21.58 9.45 -3.34
N ASP A 209 -20.85 10.54 -3.11
CA ASP A 209 -20.02 11.14 -4.14
C ASP A 209 -18.55 10.82 -3.94
N ILE A 210 -17.77 11.06 -4.97
CA ILE A 210 -16.31 10.94 -4.91
C ILE A 210 -15.72 12.34 -4.83
N TYR A 211 -15.00 12.61 -3.76
CA TYR A 211 -14.32 13.88 -3.56
C TYR A 211 -12.88 13.76 -4.03
N MET A 212 -12.44 14.66 -4.90
CA MET A 212 -11.12 14.62 -5.49
C MET A 212 -10.15 15.53 -4.73
N LEU A 213 -8.92 15.05 -4.57
CA LEU A 213 -7.87 15.81 -3.90
C LEU A 213 -6.66 15.85 -4.82
N PRO A 214 -6.13 17.03 -5.14
CA PRO A 214 -4.97 17.10 -6.04
C PRO A 214 -3.73 16.49 -5.40
N VAL A 215 -3.02 15.68 -6.17
CA VAL A 215 -1.70 15.21 -5.78
C VAL A 215 -0.70 16.31 -6.10
N LEU A 216 0.06 16.75 -5.08
CA LEU A 216 1.01 17.83 -5.25
C LEU A 216 2.45 17.36 -5.30
N LYS A 217 2.72 16.12 -4.91
CA LYS A 217 4.07 15.55 -4.89
C LYS A 217 4.02 14.19 -5.58
N GLU A 218 4.41 14.14 -6.87
CA GLU A 218 4.29 12.93 -7.68
C GLU A 218 5.50 12.02 -7.43
N SER A 219 5.48 11.39 -6.27
CA SER A 219 6.39 10.30 -5.93
C SER A 219 5.57 9.25 -5.19
N TYR A 220 5.15 9.57 -3.97
CA TYR A 220 4.02 8.88 -3.35
C TYR A 220 2.73 9.47 -3.90
N TRP A 221 1.60 8.88 -3.53
CA TRP A 221 0.31 9.52 -3.77
C TRP A 221 0.05 10.46 -2.60
N GLU A 222 0.57 11.68 -2.73
CA GLU A 222 0.71 12.63 -1.64
C GLU A 222 -0.14 13.86 -1.93
N VAL A 223 -1.10 14.15 -1.04
CA VAL A 223 -1.95 15.32 -1.14
C VAL A 223 -1.75 16.19 0.10
N LYS A 224 -2.14 17.45 -0.02
CA LYS A 224 -1.95 18.38 1.08
C LYS A 224 -2.96 18.13 2.18
N LEU A 225 -2.50 18.17 3.43
CA LEU A 225 -3.36 18.10 4.60
C LEU A 225 -3.41 19.47 5.24
N ASP A 226 -4.62 19.97 5.48
CA ASP A 226 -4.79 21.32 5.99
C ASP A 226 -4.93 21.34 7.51
N GLU A 227 -5.77 20.48 8.06
CA GLU A 227 -5.95 20.39 9.51
C GLU A 227 -6.20 18.96 9.93
N LEU A 228 -5.90 18.68 11.19
CA LEU A 228 -6.12 17.35 11.76
C LEU A 228 -6.54 17.50 13.22
N TYR A 229 -7.70 16.96 13.57
CA TYR A 229 -8.25 17.03 14.91
C TYR A 229 -8.35 15.64 15.52
N ILE A 230 -7.94 15.52 16.78
CA ILE A 230 -8.23 14.35 17.60
C ILE A 230 -9.34 14.78 18.56
N GLY A 231 -10.58 14.46 18.21
CA GLY A 231 -11.72 15.01 18.91
C GLY A 231 -11.84 16.50 18.67
N LYS A 232 -11.69 17.28 19.73
CA LYS A 232 -11.70 18.73 19.60
C LYS A 232 -10.30 19.34 19.66
N GLU A 233 -9.27 18.55 19.95
CA GLU A 233 -7.91 19.07 20.07
C GLU A 233 -7.27 19.15 18.68
N ARG A 234 -6.87 20.36 18.30
CA ARG A 234 -6.21 20.56 17.01
C ARG A 234 -4.73 20.24 17.14
N ILE A 235 -4.27 19.24 16.39
CA ILE A 235 -2.88 18.79 16.43
C ILE A 235 -2.11 19.12 15.17
N CYS A 236 -2.76 19.74 14.19
CA CYS A 236 -2.18 19.99 12.87
C CYS A 236 -3.10 20.96 12.14
N CYS A 237 -2.53 21.90 11.38
CA CYS A 237 -1.10 21.96 11.04
C CYS A 237 -0.50 23.35 11.17
N ASP A 238 0.72 23.41 11.74
CA ASP A 238 1.48 24.64 11.80
C ASP A 238 2.68 24.65 10.85
N GLU A 239 3.10 23.49 10.38
CA GLU A 239 4.05 23.36 9.29
C GLU A 239 3.38 22.60 8.15
N GLU A 240 4.01 22.62 6.98
CA GLU A 240 3.38 22.05 5.79
C GLU A 240 3.27 20.53 5.95
N SER A 241 2.05 20.03 5.93
CA SER A 241 1.78 18.62 6.16
C SER A 241 1.07 18.01 4.96
N TYR A 242 1.28 16.71 4.78
CA TYR A 242 0.76 15.99 3.63
C TYR A 242 0.21 14.65 4.07
N VAL A 243 -0.74 14.14 3.29
CA VAL A 243 -1.32 12.83 3.50
C VAL A 243 -0.86 11.91 2.36
N ILE A 244 -0.35 10.74 2.72
CA ILE A 244 0.08 9.74 1.75
C ILE A 244 -0.87 8.57 1.82
N PHE A 245 -1.44 8.21 0.68
CA PHE A 245 -2.34 7.06 0.57
C PHE A 245 -1.48 5.84 0.22
N ASP A 246 -1.30 4.94 1.19
CA ASP A 246 -0.33 3.85 1.07
C ASP A 246 -1.02 2.53 1.38
N THR A 247 -1.30 1.75 0.33
CA THR A 247 -1.90 0.43 0.51
C THR A 247 -0.94 -0.56 1.15
N GLY A 248 0.37 -0.29 1.08
CA GLY A 248 1.39 -1.19 1.57
C GLY A 248 1.68 -1.12 3.05
N THR A 249 0.84 -0.44 3.81
CA THR A 249 0.93 -0.46 5.27
C THR A 249 -0.45 -0.81 5.82
N SER A 250 -0.46 -1.58 6.90
CA SER A 250 -1.73 -1.91 7.55
C SER A 250 -2.24 -0.72 8.35
N TYR A 251 -1.34 0.02 8.98
CA TYR A 251 -1.69 1.05 9.95
C TYR A 251 -1.58 2.43 9.32
N ASN A 252 -2.17 3.41 10.00
CA ASN A 252 -1.92 4.81 9.69
C ASN A 252 -0.70 5.28 10.49
N THR A 253 -0.12 6.39 10.04
CA THR A 253 1.08 6.90 10.67
C THR A 253 0.90 8.37 11.04
N MET A 254 1.82 8.84 11.88
CA MET A 254 1.94 10.25 12.24
C MET A 254 3.41 10.54 12.48
N PRO A 255 3.86 11.79 12.27
CA PRO A 255 5.23 12.15 12.66
C PRO A 255 5.46 11.91 14.14
N SER A 256 6.74 11.91 14.52
CA SER A 256 7.11 11.64 15.91
C SER A 256 6.53 12.69 16.85
N SER A 257 6.60 13.96 16.46
CA SER A 257 6.10 15.03 17.32
C SER A 257 4.64 14.82 17.68
N GLN A 258 3.79 14.60 16.68
CA GLN A 258 2.38 14.40 16.95
C GLN A 258 2.08 13.08 17.64
N MET A 259 3.02 12.13 17.59
CA MET A 259 2.74 10.82 18.17
C MET A 259 2.74 10.87 19.69
N LYS A 260 3.64 11.67 20.28
CA LYS A 260 3.62 11.86 21.73
C LYS A 260 2.29 12.46 22.18
N THR A 261 1.75 13.40 21.40
CA THR A 261 0.43 13.95 21.69
C THR A 261 -0.65 12.89 21.48
N PHE A 262 -0.53 12.10 20.41
CA PHE A 262 -1.53 11.11 20.07
C PHE A 262 -1.68 10.06 21.17
N LEU A 263 -0.55 9.61 21.75
CA LEU A 263 -0.61 8.59 22.78
C LEU A 263 -1.17 9.12 24.10
N ASN A 264 -1.19 10.44 24.30
CA ASN A 264 -1.79 11.00 25.51
C ASN A 264 -3.28 11.21 25.36
N LEU A 265 -3.79 11.32 24.13
CA LEU A 265 -5.22 11.49 23.88
C LEU A 265 -5.93 10.18 23.59
N ILE A 266 -5.24 9.18 23.05
CA ILE A 266 -5.85 7.91 22.69
C ILE A 266 -4.98 6.81 23.28
N HIS A 267 -5.33 6.36 24.47
CA HIS A 267 -4.61 5.26 25.09
C HIS A 267 -5.17 3.92 24.60
N SER A 268 -4.28 2.94 24.49
CA SER A 268 -4.73 1.58 24.28
C SER A 268 -5.17 0.97 25.61
N THR A 269 -6.16 0.09 25.55
CA THR A 269 -6.74 -0.50 26.74
C THR A 269 -6.98 -1.98 26.52
N ALA A 270 -7.15 -2.70 27.62
CA ALA A 270 -7.64 -4.07 27.54
C ALA A 270 -9.10 -4.08 27.13
N CYS A 271 -9.48 -5.07 26.33
CA CYS A 271 -10.84 -5.16 25.83
C CYS A 271 -11.07 -6.58 25.34
N THR A 272 -12.35 -6.91 25.12
CA THR A 272 -12.73 -8.17 24.50
C THR A 272 -13.69 -7.90 23.36
N GLU A 273 -13.97 -8.96 22.60
CA GLU A 273 -14.95 -8.87 21.51
C GLU A 273 -16.35 -8.53 22.02
N GLN A 274 -16.60 -8.69 23.32
CA GLN A 274 -17.95 -8.46 23.85
C GLN A 274 -18.19 -7.00 24.22
N ASN A 275 -17.22 -6.34 24.85
CA ASN A 275 -17.42 -5.01 25.39
C ASN A 275 -16.69 -3.92 24.62
N TYR A 276 -16.15 -4.23 23.44
CA TYR A 276 -15.31 -3.25 22.75
C TYR A 276 -16.13 -2.05 22.26
N LYS A 277 -17.38 -2.29 21.84
CA LYS A 277 -18.26 -1.17 21.50
C LYS A 277 -18.48 -0.26 22.70
N ASP A 278 -18.51 -0.84 23.91
CA ASP A 278 -18.75 -0.05 25.10
C ASP A 278 -17.51 0.74 25.53
N ILE A 279 -16.33 0.13 25.43
CA ILE A 279 -15.12 0.80 25.90
C ILE A 279 -14.75 1.94 24.98
N LEU A 280 -15.00 1.80 23.68
CA LEU A 280 -14.68 2.83 22.71
C LEU A 280 -15.77 3.89 22.58
N LYS A 281 -16.80 3.85 23.43
CA LYS A 281 -17.84 4.86 23.38
C LYS A 281 -17.30 6.24 23.72
N SER A 282 -16.25 6.32 24.52
CA SER A 282 -15.68 7.57 24.97
C SER A 282 -14.52 8.08 24.11
N TYR A 283 -14.04 7.27 23.16
CA TYR A 283 -12.87 7.63 22.40
C TYR A 283 -13.21 8.73 21.38
N PRO A 284 -12.23 9.55 21.02
CA PRO A 284 -12.52 10.72 20.18
C PRO A 284 -12.61 10.37 18.70
N ILE A 285 -13.25 11.28 17.97
CA ILE A 285 -13.29 11.21 16.51
C ILE A 285 -12.03 11.86 15.95
N ILE A 286 -11.39 11.20 15.01
CA ILE A 286 -10.23 11.74 14.31
C ILE A 286 -10.71 12.34 12.99
N LYS A 287 -10.47 13.63 12.80
CA LYS A 287 -10.94 14.35 11.62
C LYS A 287 -9.75 14.81 10.79
N TYR A 288 -9.69 14.34 9.53
CA TYR A 288 -8.70 14.80 8.56
C TYR A 288 -9.38 15.83 7.67
N VAL A 289 -8.80 17.05 7.60
CA VAL A 289 -9.41 18.18 6.91
C VAL A 289 -8.60 18.48 5.67
N PHE A 290 -9.24 18.42 4.51
CA PHE A 290 -8.62 18.70 3.21
C PHE A 290 -9.36 19.87 2.58
N GLY A 291 -9.03 21.08 3.05
CA GLY A 291 -9.74 22.26 2.58
C GLY A 291 -11.19 22.23 3.00
N GLU A 292 -12.08 21.87 2.08
CA GLU A 292 -13.50 21.77 2.39
C GLU A 292 -13.91 20.37 2.85
N LEU A 293 -13.18 19.34 2.41
CA LEU A 293 -13.54 17.97 2.71
C LEU A 293 -13.06 17.57 4.10
N ILE A 294 -13.98 17.05 4.92
CA ILE A 294 -13.66 16.52 6.23
C ILE A 294 -13.87 15.01 6.19
N ILE A 295 -12.80 14.26 6.49
CA ILE A 295 -12.84 12.80 6.54
C ILE A 295 -12.66 12.39 8.00
N GLU A 296 -13.70 11.77 8.57
CA GLU A 296 -13.72 11.43 9.98
C GLU A 296 -13.41 9.96 10.18
N LEU A 297 -12.68 9.67 11.25
CA LEU A 297 -12.41 8.30 11.69
C LEU A 297 -13.01 8.11 13.07
N HIS A 298 -13.97 7.19 13.17
CA HIS A 298 -14.64 6.88 14.43
C HIS A 298 -13.86 5.82 15.19
N PRO A 299 -14.02 5.76 16.53
CA PRO A 299 -13.18 4.86 17.33
C PRO A 299 -13.20 3.41 16.89
N GLU A 300 -14.33 2.90 16.41
CA GLU A 300 -14.38 1.53 15.91
C GLU A 300 -13.75 1.38 14.53
N GLU A 301 -13.27 2.48 13.93
CA GLU A 301 -12.64 2.43 12.62
C GLU A 301 -11.14 2.64 12.66
N TYR A 302 -10.57 2.97 13.83
CA TYR A 302 -9.12 3.08 13.94
C TYR A 302 -8.55 2.31 15.13
N MET A 303 -9.38 1.68 15.95
CA MET A 303 -8.90 0.84 17.04
C MET A 303 -8.87 -0.61 16.56
N ILE A 304 -7.69 -1.23 16.67
CA ILE A 304 -7.50 -2.62 16.27
C ILE A 304 -7.57 -3.49 17.53
N LEU A 305 -8.07 -4.71 17.36
CA LEU A 305 -8.24 -5.65 18.46
C LEU A 305 -7.34 -6.86 18.21
N ASN A 306 -6.30 -7.01 19.03
CA ASN A 306 -5.39 -8.14 18.95
C ASN A 306 -5.11 -8.65 20.36
N ASP A 307 -5.13 -9.97 20.52
CA ASP A 307 -5.03 -10.62 21.83
C ASP A 307 -6.19 -10.10 22.66
N ASP A 308 -5.95 -9.48 23.83
CA ASP A 308 -7.01 -8.88 24.62
C ASP A 308 -6.83 -7.37 24.74
N VAL A 309 -6.19 -6.74 23.75
CA VAL A 309 -5.81 -5.34 23.82
C VAL A 309 -6.42 -4.60 22.64
N CYS A 310 -7.14 -3.51 22.94
CA CYS A 310 -7.62 -2.58 21.92
C CYS A 310 -6.56 -1.51 21.72
N MET A 311 -5.94 -1.49 20.55
CA MET A 311 -4.88 -0.54 20.27
C MET A 311 -5.29 0.42 19.18
N PRO A 312 -4.76 1.64 19.19
CA PRO A 312 -4.90 2.52 18.03
C PRO A 312 -4.09 1.97 16.87
N ALA A 313 -4.73 1.86 15.71
CA ALA A 313 -4.07 1.32 14.52
C ALA A 313 -3.13 2.35 13.90
N TYR A 314 -2.23 2.89 14.70
CA TYR A 314 -1.33 3.94 14.26
C TYR A 314 0.09 3.61 14.69
N MET A 315 1.05 3.98 13.85
CA MET A 315 2.46 3.83 14.17
C MET A 315 3.18 5.14 13.89
N GLN A 316 4.45 5.16 14.24
CA GLN A 316 5.26 6.38 14.18
C GLN A 316 6.18 6.28 12.96
N ILE A 317 5.91 7.11 11.95
CA ILE A 317 6.76 7.19 10.77
C ILE A 317 7.07 8.64 10.49
N ASP A 318 8.36 8.96 10.36
CA ASP A 318 8.85 10.26 9.94
C ASP A 318 9.36 10.09 8.51
N VAL A 319 8.49 10.36 7.54
CA VAL A 319 8.95 10.32 6.14
C VAL A 319 10.05 11.36 5.94
N PRO A 320 11.21 10.98 5.42
CA PRO A 320 12.33 11.92 5.37
C PRO A 320 12.07 13.07 4.42
N SER A 321 12.28 14.29 4.92
CA SER A 321 12.19 15.51 4.13
C SER A 321 12.70 16.65 4.99
N GLU A 322 13.09 17.74 4.32
CA GLU A 322 13.60 18.91 5.02
C GLU A 322 12.59 19.43 6.02
N ARG A 323 11.44 19.94 5.55
CA ARG A 323 10.47 20.56 6.45
C ARG A 323 9.03 20.13 6.15
N ASN A 324 8.82 18.99 5.49
CA ASN A 324 7.48 18.50 5.26
C ASN A 324 7.16 17.38 6.24
N HIS A 325 5.87 17.24 6.56
CA HIS A 325 5.39 16.20 7.46
C HIS A 325 4.36 15.34 6.73
N ALA A 326 4.55 14.02 6.77
CA ALA A 326 3.70 13.10 6.04
C ALA A 326 2.88 12.25 7.00
N TYR A 327 1.60 12.11 6.69
CA TYR A 327 0.68 11.26 7.41
C TYR A 327 0.18 10.20 6.45
N LEU A 328 0.36 8.93 6.80
CA LEU A 328 -0.03 7.83 5.93
C LEU A 328 -1.40 7.29 6.32
N LEU A 329 -2.18 6.90 5.32
CA LEU A 329 -3.47 6.25 5.53
C LEU A 329 -3.37 4.82 5.01
N GLY A 330 -3.49 3.85 5.92
CA GLY A 330 -3.25 2.46 5.58
C GLY A 330 -4.49 1.73 5.11
N SER A 331 -4.33 0.42 4.91
CA SER A 331 -5.41 -0.40 4.37
C SER A 331 -6.41 -0.81 5.45
N LEU A 332 -5.91 -1.34 6.57
CA LEU A 332 -6.80 -1.85 7.61
C LEU A 332 -7.63 -0.74 8.25
N SER A 333 -7.06 0.46 8.38
CA SER A 333 -7.71 1.53 9.13
C SER A 333 -8.49 2.51 8.26
N PHE A 334 -8.10 2.67 6.99
CA PHE A 334 -8.71 3.68 6.13
C PHE A 334 -9.48 3.06 4.96
N MET A 335 -8.81 2.28 4.11
CA MET A 335 -9.46 1.78 2.90
C MET A 335 -10.59 0.79 3.21
N ARG A 336 -10.57 0.17 4.39
CA ARG A 336 -11.67 -0.71 4.77
C ARG A 336 -12.99 0.07 4.83
N ASN A 337 -12.92 1.37 5.13
CA ASN A 337 -14.11 2.19 5.26
C ASN A 337 -14.28 3.18 4.12
N PHE A 338 -13.23 3.52 3.38
CA PHE A 338 -13.30 4.54 2.34
C PHE A 338 -12.77 3.96 1.03
N PHE A 339 -13.65 3.79 0.06
CA PHE A 339 -13.25 3.48 -1.31
C PHE A 339 -12.34 4.58 -1.85
N THR A 340 -11.23 4.19 -2.47
CA THR A 340 -10.18 5.13 -2.86
C THR A 340 -9.83 4.96 -4.33
N VAL A 341 -9.80 6.06 -5.06
CA VAL A 341 -9.48 6.08 -6.49
C VAL A 341 -8.16 6.82 -6.68
N PHE A 342 -7.31 6.30 -7.55
CA PHE A 342 -6.04 6.91 -7.88
C PHE A 342 -6.03 7.22 -9.37
N VAL A 343 -5.93 8.50 -9.71
CA VAL A 343 -6.01 8.96 -11.10
C VAL A 343 -4.65 9.51 -11.50
N ARG A 344 -3.98 8.83 -12.43
CA ARG A 344 -2.71 9.33 -12.93
C ARG A 344 -2.94 10.52 -13.85
N GLY A 345 -2.12 11.55 -13.67
CA GLY A 345 -2.23 12.71 -14.52
C GLY A 345 -1.77 12.42 -15.94
N THR A 346 -2.39 13.12 -16.89
CA THR A 346 -2.00 13.06 -18.28
C THR A 346 -1.79 14.48 -18.80
N GLU A 347 -2.21 14.74 -20.03
CA GLU A 347 -2.27 16.11 -20.52
C GLU A 347 -3.65 16.71 -20.35
N SER A 348 -4.70 15.90 -20.32
CA SER A 348 -6.06 16.38 -20.20
C SER A 348 -6.56 16.41 -18.76
N ARG A 349 -5.68 16.20 -17.78
CA ARG A 349 -6.08 16.12 -16.39
C ARG A 349 -4.83 16.06 -15.52
N PRO A 350 -4.96 16.40 -14.23
CA PRO A 350 -3.84 16.25 -13.30
C PRO A 350 -3.96 14.99 -12.47
N SER A 351 -2.94 14.70 -11.67
CA SER A 351 -2.99 13.55 -10.78
C SER A 351 -3.80 13.86 -9.54
N MET A 352 -4.74 12.99 -9.21
CA MET A 352 -5.61 13.17 -8.06
C MET A 352 -5.86 11.83 -7.38
N VAL A 353 -6.37 11.89 -6.16
CA VAL A 353 -6.95 10.72 -5.50
C VAL A 353 -8.38 11.06 -5.12
N GLY A 354 -9.26 10.07 -5.25
CA GLY A 354 -10.66 10.22 -4.93
C GLY A 354 -11.01 9.39 -3.71
N VAL A 355 -11.88 9.93 -2.85
CA VAL A 355 -12.29 9.28 -1.62
C VAL A 355 -13.81 9.27 -1.56
N ALA A 356 -14.37 8.10 -1.24
CA ALA A 356 -15.80 7.96 -1.03
C ALA A 356 -16.01 6.91 0.06
N ARG A 357 -17.20 6.94 0.67
CA ARG A 357 -17.53 5.93 1.66
C ARG A 357 -17.75 4.58 0.99
N ALA A 358 -17.35 3.51 1.67
CA ALA A 358 -17.49 2.17 1.13
C ALA A 358 -18.86 1.58 1.46
N LYS A 359 -19.19 0.50 0.78
CA LYS A 359 -20.46 -0.18 0.97
C LYS A 359 -20.38 -1.24 2.07
N SER A 360 -21.54 -1.68 2.53
CA SER A 360 -21.64 -2.84 3.39
C SER A 360 -22.03 -4.05 2.55
#